data_8Y8V
#
_entry.id   8Y8V
#
_cell.length_a   1.00
_cell.length_b   1.00
_cell.length_c   1.00
_cell.angle_alpha   90.00
_cell.angle_beta   90.00
_cell.angle_gamma   90.00
#
_symmetry.space_group_name_H-M   'P 1'
#
loop_
_entity.id
_entity.type
_entity.pdbx_description
1 polymer 'Green fluorescent protein,Aquaporin-7'
2 non-polymer O-[(R)-{[(2R)-2,3-bis(octadecanoyloxy)propyl]oxy}(hydroxy)phosphoryl]-L-serine
#
_entity_poly.entity_id   1
_entity_poly.type   'polypeptide(L)'
_entity_poly.pdbx_seq_one_letter_code
;MGSSHHHHHHHHMVSKGEELFTGVVPILVELDGDVNGHKFSVSGEGEGDATYGKLTLKFICTTGKLPVPWPTLVTTLTYG
VQCFSRYPDHMKQHDFFKSAMPEGYVQERTIFFKDDGNYKTRAEVKFEGDTLVNRIELKGIDFKEDGNILGHKLEYNYNS
HNVYIMADKQKNGIKVNFKIRHNIEDGSVQLADHYQQNTPIGDGPVLLPDNHYLSTQSKLSKDPNEKRDHMVLLEFVTAA
GITLGMDELYKSSGENLYFQGHMASMVQASGHRRSTRGSKMVSWSVIAKIQEILQRKMVREFLAEFMSTYVMMVFGLGSV
AHMVLNKKYGSYLGVNLGFGFGVTMGVHVAGRISGAHMNAAVTFANCALGRVPWRKFPVYVLGQFLGSFLAAATIYSLFY
TAILHFSGGQLMVTGPVATAGIFATYLPDHMTLWRGFLNEAWLTGMLQLCLFAITDQENNPALPGTEALVIGILVVIIGV
SLGMNTGYAINPSRDLPPRIFTFIAGWGKQVFSNGENWWWVPVVAPLLGAYLGGIIYLVFIGSTIPREPLKLEDSVAYED
HGITVLPKMGSHEPTISPLTPVSVSPANRSSVHPAPPLHESMALEHF
;
_entity_poly.pdbx_strand_id   A
#
loop_
_chem_comp.id
_chem_comp.type
_chem_comp.name
_chem_comp.formula
P5S non-polymer O-[(R)-{[(2R)-2,3-bis(octadecanoyloxy)propyl]oxy}(hydroxy)phosphoryl]-L-serine 'C42 H82 N O10 P'
#
# COMPACT_ATOMS: atom_id res chain seq x y z
N MET A 298 -4.45 2.40 -23.75
CA MET A 298 -4.22 1.30 -22.81
C MET A 298 -2.76 1.28 -22.35
N VAL A 299 -1.84 1.51 -23.29
CA VAL A 299 -0.42 1.54 -22.94
C VAL A 299 -0.12 2.73 -22.04
N ARG A 300 -0.67 3.90 -22.36
CA ARG A 300 -0.44 5.08 -21.54
C ARG A 300 -1.01 4.90 -20.14
N GLU A 301 -2.17 4.24 -20.03
CA GLU A 301 -2.75 3.98 -18.72
C GLU A 301 -1.91 3.00 -17.93
N PHE A 302 -1.37 1.97 -18.60
CA PHE A 302 -0.49 1.03 -17.92
C PHE A 302 0.78 1.71 -17.44
N LEU A 303 1.39 2.55 -18.28
CA LEU A 303 2.61 3.24 -17.90
C LEU A 303 2.37 4.21 -16.75
N ALA A 304 1.23 4.89 -16.77
CA ALA A 304 0.91 5.83 -15.69
C ALA A 304 0.74 5.11 -14.36
N GLU A 305 0.07 3.95 -14.36
CA GLU A 305 -0.10 3.20 -13.13
C GLU A 305 1.21 2.58 -12.67
N PHE A 306 2.06 2.19 -13.60
CA PHE A 306 3.36 1.62 -13.23
C PHE A 306 4.24 2.67 -12.57
N MET A 307 4.35 3.85 -13.19
CA MET A 307 5.23 4.89 -12.66
C MET A 307 4.70 5.45 -11.34
N SER A 308 3.40 5.70 -11.25
CA SER A 308 2.83 6.26 -10.03
C SER A 308 2.96 5.30 -8.86
N THR A 309 2.72 4.00 -9.09
CA THR A 309 2.91 3.01 -8.03
C THR A 309 4.37 2.91 -7.64
N TYR A 310 5.28 2.93 -8.62
CA TYR A 310 6.70 2.82 -8.32
C TYR A 310 7.18 3.98 -7.46
N VAL A 311 6.76 5.20 -7.79
CA VAL A 311 7.17 6.36 -7.02
C VAL A 311 6.67 6.26 -5.59
N MET A 312 5.37 5.96 -5.43
CA MET A 312 4.79 5.86 -4.10
C MET A 312 5.42 4.72 -3.29
N MET A 313 5.63 3.57 -3.93
CA MET A 313 6.14 2.42 -3.21
C MET A 313 7.59 2.61 -2.80
N VAL A 314 8.39 3.31 -3.62
CA VAL A 314 9.77 3.59 -3.26
C VAL A 314 9.82 4.45 -2.00
N PHE A 315 9.01 5.51 -1.96
CA PHE A 315 8.97 6.37 -0.78
C PHE A 315 8.45 5.61 0.43
N GLY A 316 7.41 4.80 0.26
CA GLY A 316 6.85 4.07 1.38
C GLY A 316 7.79 3.02 1.93
N LEU A 317 8.41 2.24 1.04
CA LEU A 317 9.30 1.17 1.49
C LEU A 317 10.58 1.73 2.11
N GLY A 318 11.07 2.85 1.58
CA GLY A 318 12.25 3.47 2.16
C GLY A 318 12.02 3.96 3.58
N SER A 319 10.84 4.56 3.82
CA SER A 319 10.53 5.02 5.18
C SER A 319 10.42 3.85 6.14
N VAL A 320 9.85 2.72 5.68
CA VAL A 320 9.81 1.52 6.50
C VAL A 320 11.22 0.99 6.73
N ALA A 321 12.06 1.03 5.69
CA ALA A 321 13.44 0.58 5.85
C ALA A 321 14.19 1.46 6.85
N HIS A 322 13.95 2.77 6.82
CA HIS A 322 14.58 3.67 7.77
C HIS A 322 14.19 3.32 9.20
N MET A 323 12.90 3.08 9.45
CA MET A 323 12.44 2.77 10.79
C MET A 323 12.97 1.42 11.27
N VAL A 324 12.98 0.42 10.39
CA VAL A 324 13.42 -0.91 10.79
C VAL A 324 14.92 -0.94 11.02
N LEU A 325 15.70 -0.31 10.14
CA LEU A 325 17.15 -0.50 10.16
C LEU A 325 17.85 0.46 11.13
N ASN A 326 17.39 1.70 11.20
CA ASN A 326 18.04 2.72 12.01
C ASN A 326 17.06 3.33 13.01
N LYS A 327 17.56 3.59 14.21
CA LYS A 327 16.74 4.17 15.26
C LYS A 327 16.74 5.70 15.22
N LYS A 328 17.92 6.31 15.05
CA LYS A 328 18.03 7.76 15.06
C LYS A 328 17.59 8.40 13.75
N TYR A 329 17.39 7.62 12.70
CA TYR A 329 16.92 8.14 11.42
C TYR A 329 15.53 7.63 11.03
N GLY A 330 14.98 6.67 11.76
CA GLY A 330 13.69 6.10 11.42
C GLY A 330 12.71 6.18 12.56
N SER A 331 11.46 6.48 12.23
CA SER A 331 10.39 6.56 13.21
C SER A 331 9.09 6.15 12.55
N TYR A 332 8.12 5.75 13.38
CA TYR A 332 6.83 5.34 12.84
C TYR A 332 6.12 6.51 12.15
N LEU A 333 6.30 7.72 12.68
CA LEU A 333 5.74 8.89 12.02
C LEU A 333 6.34 9.09 10.64
N GLY A 334 7.65 8.87 10.51
CA GLY A 334 8.28 8.94 9.20
C GLY A 334 7.74 7.90 8.22
N VAL A 335 7.39 6.72 8.72
CA VAL A 335 6.78 5.70 7.87
C VAL A 335 5.44 6.18 7.34
N ASN A 336 4.63 6.79 8.20
CA ASN A 336 3.35 7.35 7.77
C ASN A 336 3.55 8.49 6.80
N LEU A 337 4.55 9.36 7.06
CA LEU A 337 4.87 10.43 6.12
C LEU A 337 5.44 9.88 4.82
N GLY A 338 6.26 8.83 4.90
CA GLY A 338 6.82 8.25 3.70
C GLY A 338 5.78 7.64 2.78
N PHE A 339 4.86 6.87 3.35
CA PHE A 339 3.79 6.28 2.55
C PHE A 339 2.75 7.33 2.17
N GLY A 340 2.43 8.24 3.09
CA GLY A 340 1.36 9.19 2.83
C GLY A 340 1.67 10.14 1.69
N PHE A 341 2.81 10.83 1.77
CA PHE A 341 3.16 11.79 0.73
C PHE A 341 3.84 11.13 -0.47
N GLY A 342 4.24 9.87 -0.36
CA GLY A 342 4.57 9.11 -1.55
C GLY A 342 3.38 8.94 -2.47
N VAL A 343 2.18 8.84 -1.89
CA VAL A 343 0.96 8.82 -2.70
C VAL A 343 0.79 10.15 -3.41
N THR A 344 1.08 11.25 -2.72
CA THR A 344 0.91 12.58 -3.33
C THR A 344 1.77 12.74 -4.57
N MET A 345 3.02 12.29 -4.51
CA MET A 345 3.88 12.34 -5.70
C MET A 345 3.32 11.46 -6.81
N GLY A 346 2.80 10.29 -6.46
CA GLY A 346 2.19 9.42 -7.45
C GLY A 346 0.94 10.01 -8.07
N VAL A 347 0.16 10.77 -7.30
CA VAL A 347 -1.02 11.41 -7.83
C VAL A 347 -0.64 12.47 -8.87
N HIS A 348 0.39 13.26 -8.57
CA HIS A 348 0.87 14.22 -9.55
C HIS A 348 1.39 13.56 -10.81
N VAL A 349 1.95 12.35 -10.68
CA VAL A 349 2.51 11.65 -11.82
C VAL A 349 1.41 11.19 -12.77
N ALA A 350 0.35 10.57 -12.22
CA ALA A 350 -0.61 9.84 -13.05
C ALA A 350 -2.06 10.17 -12.71
N GLY A 351 -2.31 11.24 -11.96
CA GLY A 351 -3.69 11.58 -11.64
C GLY A 351 -4.49 11.96 -12.86
N ARG A 352 -3.92 12.66 -13.82
CA ARG A 352 -4.72 13.01 -14.98
C ARG A 352 -4.79 11.91 -16.02
N ILE A 353 -3.79 11.04 -16.07
CA ILE A 353 -3.78 10.03 -17.13
C ILE A 353 -4.67 8.85 -16.77
N SER A 354 -4.51 8.33 -15.55
CA SER A 354 -5.23 7.13 -15.13
C SER A 354 -6.02 7.30 -13.84
N GLY A 355 -5.92 8.45 -13.19
CA GLY A 355 -6.53 8.64 -11.89
C GLY A 355 -5.63 8.30 -10.72
N ALA A 356 -4.49 7.67 -10.98
CA ALA A 356 -3.50 7.33 -9.97
C ALA A 356 -4.13 6.55 -8.81
N HIS A 357 -4.76 5.43 -9.17
CA HIS A 357 -5.33 4.56 -8.14
C HIS A 357 -4.23 4.02 -7.22
N MET A 358 -3.16 3.49 -7.81
CA MET A 358 -2.01 2.98 -7.07
C MET A 358 -2.40 1.91 -6.05
N ASN A 359 -3.59 1.34 -6.21
CA ASN A 359 -4.18 0.47 -5.20
C ASN A 359 -5.13 -0.47 -5.91
N ALA A 360 -4.87 -1.79 -5.79
CA ALA A 360 -5.75 -2.76 -6.44
C ALA A 360 -7.14 -2.74 -5.83
N ALA A 361 -7.23 -2.53 -4.52
CA ALA A 361 -8.54 -2.43 -3.87
C ALA A 361 -9.30 -1.21 -4.35
N VAL A 362 -8.60 -0.07 -4.47
CA VAL A 362 -9.25 1.14 -4.97
C VAL A 362 -9.69 0.96 -6.42
N THR A 363 -8.85 0.33 -7.24
CA THR A 363 -9.23 0.05 -8.61
C THR A 363 -10.43 -0.90 -8.66
N PHE A 364 -10.44 -1.93 -7.82
CA PHE A 364 -11.55 -2.87 -7.80
C PHE A 364 -12.85 -2.17 -7.41
N ALA A 365 -12.79 -1.29 -6.41
CA ALA A 365 -13.99 -0.59 -5.96
C ALA A 365 -14.56 0.29 -7.07
N ASN A 366 -13.68 1.01 -7.77
CA ASN A 366 -14.14 1.86 -8.88
C ASN A 366 -14.75 1.03 -9.99
N CYS A 367 -14.12 -0.11 -10.31
CA CYS A 367 -14.67 -0.98 -11.36
C CYS A 367 -15.99 -1.60 -10.92
N ALA A 368 -16.08 -2.03 -9.65
CA ALA A 368 -17.30 -2.66 -9.17
C ALA A 368 -18.44 -1.68 -8.96
N LEU A 369 -18.13 -0.39 -8.83
CA LEU A 369 -19.15 0.63 -8.65
C LEU A 369 -19.50 1.36 -9.94
N GLY A 370 -18.96 0.91 -11.08
CA GLY A 370 -19.31 1.46 -12.37
C GLY A 370 -18.54 2.70 -12.79
N ARG A 371 -17.63 3.19 -11.96
CA ARG A 371 -16.88 4.39 -12.31
C ARG A 371 -15.78 4.13 -13.34
N VAL A 372 -15.24 2.92 -13.39
CA VAL A 372 -14.16 2.58 -14.29
C VAL A 372 -14.51 1.28 -15.01
N PRO A 373 -14.26 1.16 -16.31
CA PRO A 373 -14.61 -0.07 -17.02
C PRO A 373 -13.87 -1.28 -16.47
N TRP A 374 -14.55 -2.43 -16.50
CA TRP A 374 -13.96 -3.66 -16.00
C TRP A 374 -12.79 -4.13 -16.87
N ARG A 375 -12.80 -3.77 -18.16
CA ARG A 375 -11.74 -4.21 -19.06
C ARG A 375 -10.39 -3.57 -18.71
N LYS A 376 -10.39 -2.47 -17.97
CA LYS A 376 -9.14 -1.83 -17.57
C LYS A 376 -8.62 -2.34 -16.23
N PHE A 377 -9.41 -3.13 -15.50
CA PHE A 377 -8.93 -3.64 -14.21
C PHE A 377 -7.67 -4.47 -14.32
N PRO A 378 -7.54 -5.43 -15.24
CA PRO A 378 -6.26 -6.15 -15.35
C PRO A 378 -5.08 -5.25 -15.69
N VAL A 379 -5.30 -4.19 -16.47
CA VAL A 379 -4.20 -3.30 -16.83
C VAL A 379 -3.74 -2.49 -15.63
N TYR A 380 -4.68 -1.99 -14.84
CA TYR A 380 -4.31 -1.24 -13.64
C TYR A 380 -3.57 -2.12 -12.63
N VAL A 381 -4.05 -3.35 -12.43
CA VAL A 381 -3.41 -4.24 -11.46
C VAL A 381 -2.02 -4.65 -11.95
N LEU A 382 -1.90 -4.95 -13.24
CA LEU A 382 -0.60 -5.34 -13.78
C LEU A 382 0.41 -4.20 -13.66
N GLY A 383 -0.04 -2.96 -13.92
CA GLY A 383 0.85 -1.83 -13.76
C GLY A 383 1.28 -1.62 -12.32
N GLN A 384 0.34 -1.74 -11.37
CA GLN A 384 0.67 -1.54 -9.96
C GLN A 384 1.56 -2.66 -9.45
N PHE A 385 1.35 -3.89 -9.92
CA PHE A 385 2.15 -5.01 -9.44
C PHE A 385 3.59 -4.91 -9.95
N LEU A 386 3.78 -4.51 -11.20
CA LEU A 386 5.12 -4.31 -11.72
C LEU A 386 5.81 -3.14 -11.03
N GLY A 387 5.08 -2.05 -10.79
CA GLY A 387 5.69 -0.90 -10.13
C GLY A 387 6.10 -1.19 -8.71
N SER A 388 5.29 -1.99 -8.00
CA SER A 388 5.62 -2.33 -6.62
C SER A 388 6.77 -3.34 -6.57
N PHE A 389 6.78 -4.30 -7.48
CA PHE A 389 7.86 -5.28 -7.52
C PHE A 389 9.20 -4.62 -7.82
N LEU A 390 9.22 -3.69 -8.78
CA LEU A 390 10.46 -3.00 -9.11
C LEU A 390 10.87 -2.04 -8.00
N ALA A 391 9.89 -1.46 -7.30
CA ALA A 391 10.21 -0.61 -6.16
C ALA A 391 10.88 -1.41 -5.05
N ALA A 392 10.40 -2.64 -4.82
CA ALA A 392 11.03 -3.50 -3.81
C ALA A 392 12.47 -3.82 -4.19
N ALA A 393 12.71 -4.12 -5.47
CA ALA A 393 14.08 -4.34 -5.93
C ALA A 393 14.92 -3.09 -5.79
N THR A 394 14.33 -1.92 -6.05
CA THR A 394 15.04 -0.66 -5.88
C THR A 394 15.47 -0.45 -4.43
N ILE A 395 14.56 -0.70 -3.48
CA ILE A 395 14.89 -0.52 -2.07
C ILE A 395 15.94 -1.54 -1.63
N TYR A 396 15.88 -2.75 -2.19
CA TYR A 396 16.88 -3.76 -1.85
C TYR A 396 18.28 -3.31 -2.28
N SER A 397 18.39 -2.71 -3.46
CA SER A 397 19.70 -2.27 -3.94
C SER A 397 20.20 -1.07 -3.15
N LEU A 398 19.33 -0.12 -2.84
CA LEU A 398 19.77 1.09 -2.15
C LEU A 398 20.10 0.82 -0.69
N PHE A 399 19.48 -0.19 -0.08
CA PHE A 399 19.68 -0.50 1.32
C PHE A 399 20.40 -1.83 1.53
N TYR A 400 21.04 -2.36 0.48
CA TYR A 400 21.65 -3.69 0.57
C TYR A 400 22.71 -3.75 1.66
N THR A 401 23.58 -2.75 1.72
CA THR A 401 24.60 -2.72 2.76
C THR A 401 23.99 -2.53 4.13
N ALA A 402 22.96 -1.69 4.23
CA ALA A 402 22.30 -1.46 5.52
C ALA A 402 21.56 -2.72 5.98
N ILE A 403 20.87 -3.40 5.07
CA ILE A 403 20.16 -4.62 5.42
C ILE A 403 21.15 -5.71 5.85
N LEU A 404 22.25 -5.84 5.11
CA LEU A 404 23.26 -6.83 5.47
C LEU A 404 23.91 -6.50 6.80
N HIS A 405 24.23 -5.22 7.03
CA HIS A 405 24.85 -4.82 8.29
C HIS A 405 23.93 -5.03 9.47
N PHE A 406 22.65 -4.66 9.33
CA PHE A 406 21.71 -4.78 10.44
C PHE A 406 21.43 -6.24 10.77
N SER A 407 21.11 -7.04 9.74
CA SER A 407 20.76 -8.44 9.96
C SER A 407 21.98 -9.30 10.24
N GLY A 408 23.12 -8.99 9.61
CA GLY A 408 24.31 -9.79 9.80
C GLY A 408 24.47 -10.86 8.74
N GLY A 409 24.12 -10.53 7.50
CA GLY A 409 24.23 -11.45 6.38
C GLY A 409 23.01 -12.30 6.13
N GLN A 410 22.38 -12.82 7.18
CA GLN A 410 21.21 -13.67 7.04
C GLN A 410 19.96 -12.82 6.81
N LEU A 411 19.01 -13.39 6.08
CA LEU A 411 17.73 -12.74 5.79
C LEU A 411 16.64 -13.54 6.48
N MET A 412 16.12 -13.00 7.59
CA MET A 412 15.19 -13.72 8.44
C MET A 412 13.82 -13.05 8.39
N VAL A 413 12.77 -13.87 8.24
CA VAL A 413 11.42 -13.34 8.27
C VAL A 413 11.04 -12.92 9.69
N THR A 414 11.43 -13.71 10.68
CA THR A 414 11.08 -13.46 12.07
C THR A 414 12.33 -13.46 12.93
N GLY A 415 12.28 -12.70 14.03
CA GLY A 415 13.38 -12.62 14.95
C GLY A 415 13.75 -11.18 15.29
N PRO A 416 14.74 -11.02 16.17
CA PRO A 416 15.17 -9.65 16.52
C PRO A 416 15.83 -8.91 15.38
N VAL A 417 16.31 -9.60 14.35
CA VAL A 417 16.98 -8.95 13.22
C VAL A 417 16.17 -9.20 11.96
N ALA A 418 14.85 -9.31 12.10
CA ALA A 418 13.99 -9.57 10.95
C ALA A 418 14.01 -8.39 9.98
N THR A 419 14.17 -8.69 8.70
CA THR A 419 14.20 -7.68 7.66
C THR A 419 13.14 -7.89 6.58
N ALA A 420 12.31 -8.92 6.71
CA ALA A 420 11.24 -9.15 5.73
C ALA A 420 10.12 -8.15 5.88
N GLY A 421 9.98 -7.52 7.04
CA GLY A 421 8.92 -6.55 7.26
C GLY A 421 9.14 -5.21 6.57
N ILE A 422 10.34 -4.99 6.02
CA ILE A 422 10.59 -3.78 5.25
C ILE A 422 9.70 -3.74 4.01
N PHE A 423 9.49 -4.90 3.39
CA PHE A 423 8.81 -4.99 2.10
C PHE A 423 7.33 -5.38 2.25
N ALA A 424 7.03 -6.41 3.03
CA ALA A 424 5.66 -6.87 3.22
C ALA A 424 5.28 -6.74 4.70
N THR A 425 3.97 -6.78 4.95
CA THR A 425 3.42 -6.65 6.29
C THR A 425 3.21 -8.03 6.89
N TYR A 426 3.57 -8.17 8.17
CA TYR A 426 3.43 -9.42 8.89
C TYR A 426 2.64 -9.21 10.17
N LEU A 427 1.78 -10.18 10.47
CA LEU A 427 0.89 -10.06 11.61
C LEU A 427 1.67 -10.09 12.92
N PRO A 428 1.37 -9.20 13.86
CA PRO A 428 2.03 -9.23 15.17
C PRO A 428 1.65 -10.49 15.95
N ASP A 429 2.39 -10.71 17.04
CA ASP A 429 2.20 -11.93 17.83
C ASP A 429 0.82 -11.98 18.47
N HIS A 430 0.34 -10.85 19.00
CA HIS A 430 -0.91 -10.87 19.75
C HIS A 430 -2.13 -10.95 18.84
N MET A 431 -2.03 -10.47 17.60
CA MET A 431 -3.19 -10.37 16.74
C MET A 431 -3.43 -11.67 15.97
N THR A 432 -4.70 -11.93 15.67
CA THR A 432 -5.12 -13.14 14.97
C THR A 432 -5.42 -12.82 13.51
N LEU A 433 -5.54 -13.88 12.71
CA LEU A 433 -5.75 -13.72 11.27
C LEU A 433 -7.09 -13.06 10.98
N TRP A 434 -8.15 -13.48 11.66
CA TRP A 434 -9.47 -12.93 11.38
C TRP A 434 -9.66 -11.55 11.98
N ARG A 435 -8.95 -11.24 13.06
CA ARG A 435 -8.89 -9.85 13.52
C ARG A 435 -8.10 -9.00 12.54
N GLY A 436 -7.06 -9.57 11.91
CA GLY A 436 -6.36 -8.85 10.87
C GLY A 436 -7.21 -8.63 9.64
N PHE A 437 -8.08 -9.58 9.31
CA PHE A 437 -9.02 -9.39 8.21
C PHE A 437 -9.96 -8.25 8.51
N LEU A 438 -10.45 -8.16 9.74
CA LEU A 438 -11.32 -7.04 10.13
C LEU A 438 -10.58 -5.72 10.02
N ASN A 439 -9.33 -5.68 10.49
CA ASN A 439 -8.56 -4.44 10.42
C ASN A 439 -8.27 -4.04 8.98
N GLU A 440 -7.91 -5.00 8.12
CA GLU A 440 -7.58 -4.67 6.74
C GLU A 440 -8.81 -4.16 5.97
N ALA A 441 -9.97 -4.76 6.21
CA ALA A 441 -11.17 -4.35 5.48
C ALA A 441 -11.67 -2.99 5.96
N TRP A 442 -11.69 -2.77 7.27
CA TRP A 442 -12.16 -1.48 7.80
C TRP A 442 -11.24 -0.35 7.37
N LEU A 443 -9.92 -0.58 7.42
CA LEU A 443 -8.98 0.47 7.03
C LEU A 443 -9.11 0.84 5.56
N THR A 444 -9.29 -0.16 4.70
CA THR A 444 -9.49 0.13 3.27
C THR A 444 -10.84 0.80 3.04
N GLY A 445 -11.86 0.43 3.81
CA GLY A 445 -13.13 1.12 3.74
C GLY A 445 -13.03 2.55 4.21
N MET A 446 -12.24 2.79 5.27
CA MET A 446 -12.00 4.16 5.72
C MET A 446 -11.32 4.98 4.63
N LEU A 447 -10.34 4.39 3.95
CA LEU A 447 -9.63 5.10 2.88
C LEU A 447 -10.57 5.40 1.71
N GLN A 448 -11.37 4.41 1.30
CA GLN A 448 -12.19 4.58 0.11
C GLN A 448 -13.32 5.57 0.33
N LEU A 449 -13.91 5.56 1.53
CA LEU A 449 -14.95 6.53 1.84
C LEU A 449 -14.39 7.94 1.82
N CYS A 450 -13.22 8.15 2.42
CA CYS A 450 -12.60 9.47 2.42
C CYS A 450 -12.08 9.84 1.03
N LEU A 451 -11.56 8.85 0.29
CA LEU A 451 -11.11 9.13 -1.07
C LEU A 451 -12.25 9.62 -1.95
N PHE A 452 -13.42 9.00 -1.82
CA PHE A 452 -14.59 9.44 -2.59
C PHE A 452 -15.01 10.85 -2.20
N ALA A 453 -15.00 11.16 -0.90
CA ALA A 453 -15.40 12.48 -0.44
C ALA A 453 -14.43 13.55 -0.92
N ILE A 454 -13.12 13.24 -0.90
CA ILE A 454 -12.12 14.23 -1.30
C ILE A 454 -12.27 14.60 -2.76
N THR A 455 -12.55 13.60 -3.61
CA THR A 455 -12.62 13.81 -5.06
C THR A 455 -14.05 13.70 -5.59
N ASP A 456 -15.02 14.17 -4.82
CA ASP A 456 -16.41 14.21 -5.25
C ASP A 456 -16.77 15.66 -5.59
N GLN A 457 -16.85 15.96 -6.89
CA GLN A 457 -17.14 17.33 -7.30
C GLN A 457 -18.55 17.77 -6.91
N GLU A 458 -19.48 16.83 -6.82
CA GLU A 458 -20.83 17.18 -6.39
C GLU A 458 -20.87 17.52 -4.90
N ASN A 459 -20.10 16.78 -4.09
CA ASN A 459 -19.98 17.06 -2.66
C ASN A 459 -18.99 18.21 -2.45
N ASN A 460 -18.51 18.38 -1.22
CA ASN A 460 -17.49 19.37 -0.91
C ASN A 460 -16.10 18.82 -1.22
N PRO A 461 -15.50 19.19 -2.34
CA PRO A 461 -14.23 18.59 -2.76
C PRO A 461 -13.04 19.33 -2.17
N ALA A 462 -11.88 18.69 -2.29
CA ALA A 462 -10.64 19.43 -2.18
C ALA A 462 -10.46 20.30 -3.42
N LEU A 463 -9.78 21.43 -3.25
CA LEU A 463 -9.59 22.34 -4.36
C LEU A 463 -8.81 21.65 -5.48
N PRO A 464 -9.30 21.70 -6.72
CA PRO A 464 -8.57 21.05 -7.81
C PRO A 464 -7.16 21.60 -7.95
N GLY A 465 -6.22 20.70 -8.24
CA GLY A 465 -4.82 21.02 -8.19
C GLY A 465 -4.17 20.84 -6.84
N THR A 466 -4.98 20.71 -5.79
CA THR A 466 -4.48 20.47 -4.44
C THR A 466 -4.97 19.16 -3.86
N GLU A 467 -5.76 18.38 -4.61
CA GLU A 467 -6.30 17.13 -4.09
C GLU A 467 -5.22 16.10 -3.78
N ALA A 468 -4.05 16.20 -4.43
CA ALA A 468 -2.97 15.28 -4.16
C ALA A 468 -2.48 15.41 -2.72
N LEU A 469 -2.37 16.65 -2.23
CA LEU A 469 -1.93 16.86 -0.85
C LEU A 469 -2.93 16.32 0.14
N VAL A 470 -4.23 16.51 -0.12
CA VAL A 470 -5.25 16.03 0.80
C VAL A 470 -5.29 14.50 0.82
N ILE A 471 -5.10 13.88 -0.35
CA ILE A 471 -5.03 12.41 -0.39
C ILE A 471 -3.83 11.91 0.41
N GLY A 472 -2.69 12.59 0.27
CA GLY A 472 -1.53 12.21 1.06
C GLY A 472 -1.75 12.37 2.55
N ILE A 473 -2.45 13.44 2.95
CA ILE A 473 -2.76 13.64 4.36
C ILE A 473 -3.60 12.49 4.89
N LEU A 474 -4.60 12.05 4.10
CA LEU A 474 -5.44 10.95 4.53
C LEU A 474 -4.63 9.67 4.76
N VAL A 475 -3.69 9.37 3.85
CA VAL A 475 -2.86 8.18 4.02
C VAL A 475 -1.95 8.34 5.24
N VAL A 476 -1.48 9.57 5.51
CA VAL A 476 -0.62 9.79 6.68
C VAL A 476 -1.38 9.47 7.96
N ILE A 477 -2.62 9.94 8.08
CA ILE A 477 -3.35 9.76 9.32
C ILE A 477 -3.96 8.37 9.44
N ILE A 478 -4.12 7.64 8.34
CA ILE A 478 -4.55 6.25 8.44
C ILE A 478 -3.47 5.40 9.12
N GLY A 479 -2.21 5.60 8.73
CA GLY A 479 -1.13 4.91 9.41
C GLY A 479 -0.95 5.38 10.85
N VAL A 480 -1.14 6.68 11.09
CA VAL A 480 -0.97 7.22 12.43
C VAL A 480 -2.01 6.65 13.38
N SER A 481 -3.27 6.58 12.95
CA SER A 481 -4.35 6.24 13.86
C SER A 481 -4.65 4.74 13.89
N LEU A 482 -4.63 4.07 12.73
CA LEU A 482 -5.09 2.69 12.66
C LEU A 482 -4.05 1.72 12.09
N GLY A 483 -2.82 2.18 11.87
CA GLY A 483 -1.82 1.35 11.21
C GLY A 483 -0.95 0.49 12.10
N MET A 484 -1.13 0.46 13.40
CA MET A 484 -0.21 -0.39 14.18
C MET A 484 -0.65 -1.84 14.33
N ASN A 485 -1.90 -2.15 13.99
CA ASN A 485 -2.38 -3.50 14.24
C ASN A 485 -1.93 -4.49 13.17
N THR A 486 -1.99 -4.11 11.89
CA THR A 486 -1.59 -5.00 10.81
C THR A 486 -0.51 -4.43 9.91
N GLY A 487 0.03 -3.26 10.23
CA GLY A 487 0.91 -2.57 9.30
C GLY A 487 0.20 -1.80 8.22
N TYR A 488 -1.12 -1.68 8.31
CA TYR A 488 -1.99 -0.95 7.38
C TYR A 488 -1.56 -1.14 5.92
N ALA A 489 -1.60 -2.39 5.49
CA ALA A 489 -1.39 -2.74 4.09
C ALA A 489 -2.70 -2.62 3.34
N ILE A 490 -3.25 -1.41 3.35
CA ILE A 490 -4.53 -1.13 2.71
C ILE A 490 -4.48 -1.30 1.20
N ASN A 491 -3.31 -1.59 0.65
CA ASN A 491 -3.13 -1.73 -0.79
C ASN A 491 -2.67 -3.15 -1.09
N PRO A 492 -3.43 -3.93 -1.85
CA PRO A 492 -2.94 -5.24 -2.28
C PRO A 492 -1.67 -5.16 -3.11
N SER A 493 -1.51 -4.08 -3.89
CA SER A 493 -0.28 -3.87 -4.63
C SER A 493 0.89 -3.58 -3.71
N ARG A 494 0.64 -2.98 -2.55
CA ARG A 494 1.70 -2.69 -1.60
C ARG A 494 2.21 -3.94 -0.90
N ASP A 495 1.40 -4.99 -0.81
CA ASP A 495 1.74 -6.15 -0.01
C ASP A 495 2.29 -7.32 -0.82
N LEU A 496 1.52 -7.81 -1.80
CA LEU A 496 1.89 -9.05 -2.49
C LEU A 496 3.15 -8.90 -3.33
N PRO A 497 3.28 -7.92 -4.23
CA PRO A 497 4.49 -7.85 -5.08
C PRO A 497 5.77 -7.73 -4.26
N PRO A 498 5.82 -6.91 -3.21
CA PRO A 498 7.03 -6.95 -2.36
C PRO A 498 7.23 -8.27 -1.65
N ARG A 499 6.15 -8.99 -1.33
CA ARG A 499 6.29 -10.30 -0.72
C ARG A 499 6.83 -11.32 -1.71
N ILE A 500 6.40 -11.24 -2.97
CA ILE A 500 6.94 -12.13 -4.00
C ILE A 500 8.41 -11.84 -4.23
N PHE A 501 8.80 -10.56 -4.17
CA PHE A 501 10.20 -10.21 -4.35
C PHE A 501 11.06 -10.80 -3.25
N THR A 502 10.61 -10.72 -2.00
CA THR A 502 11.42 -11.20 -0.89
C THR A 502 11.61 -12.72 -0.95
N PHE A 503 10.59 -13.44 -1.39
CA PHE A 503 10.72 -14.88 -1.58
C PHE A 503 11.78 -15.19 -2.63
N ILE A 504 11.80 -14.43 -3.73
CA ILE A 504 12.82 -14.60 -4.75
C ILE A 504 14.18 -14.13 -4.24
N ALA A 505 14.20 -13.02 -3.50
CA ALA A 505 15.45 -12.39 -3.09
C ALA A 505 16.16 -13.11 -1.96
N GLY A 506 15.74 -14.31 -1.60
CA GLY A 506 16.47 -15.11 -0.64
C GLY A 506 15.94 -15.10 0.78
N TRP A 507 14.76 -14.52 1.03
CA TRP A 507 14.17 -14.58 2.36
C TRP A 507 13.48 -15.90 2.65
N GLY A 508 13.26 -16.73 1.63
CA GLY A 508 12.67 -18.03 1.84
C GLY A 508 11.16 -18.03 1.73
N LYS A 509 10.59 -19.23 1.85
CA LYS A 509 9.15 -19.42 1.74
C LYS A 509 8.40 -19.04 3.01
N GLN A 510 9.10 -18.69 4.09
CA GLN A 510 8.45 -18.27 5.32
C GLN A 510 7.72 -16.94 5.18
N VAL A 511 7.96 -16.19 4.10
CA VAL A 511 7.24 -14.94 3.88
C VAL A 511 5.76 -15.21 3.70
N PHE A 512 5.40 -16.34 3.08
CA PHE A 512 4.01 -16.69 2.85
C PHE A 512 3.42 -17.48 4.02
N SER A 513 4.21 -18.29 4.70
CA SER A 513 3.73 -19.15 5.77
C SER A 513 3.72 -18.48 7.13
N ASN A 514 4.23 -17.25 7.23
CA ASN A 514 4.26 -16.56 8.51
C ASN A 514 2.87 -16.10 8.92
N GLY A 515 2.60 -16.15 10.22
CA GLY A 515 1.32 -15.74 10.74
C GLY A 515 0.16 -16.60 10.32
N GLU A 516 0.36 -17.92 10.26
CA GLU A 516 -0.68 -18.87 9.84
C GLU A 516 -1.20 -18.52 8.45
N ASN A 517 -0.28 -18.36 7.50
CA ASN A 517 -0.60 -18.02 6.12
C ASN A 517 -1.37 -16.70 6.06
N TRP A 518 -0.73 -15.64 6.57
CA TRP A 518 -1.32 -14.31 6.59
C TRP A 518 -1.27 -13.62 5.24
N TRP A 519 -0.47 -14.13 4.31
CA TRP A 519 -0.14 -13.40 3.08
C TRP A 519 -1.38 -13.06 2.25
N TRP A 520 -2.41 -13.89 2.29
CA TRP A 520 -3.57 -13.67 1.44
C TRP A 520 -4.53 -12.62 1.99
N VAL A 521 -4.49 -12.35 3.29
CA VAL A 521 -5.43 -11.39 3.87
C VAL A 521 -5.27 -9.98 3.31
N PRO A 522 -4.06 -9.43 3.19
CA PRO A 522 -3.94 -8.09 2.59
C PRO A 522 -4.29 -8.04 1.10
N VAL A 523 -4.57 -9.18 0.48
CA VAL A 523 -4.99 -9.22 -0.91
C VAL A 523 -6.51 -9.25 -1.04
N VAL A 524 -7.18 -9.99 -0.16
CA VAL A 524 -8.63 -10.18 -0.27
C VAL A 524 -9.40 -9.19 0.58
N ALA A 525 -8.96 -8.98 1.82
CA ALA A 525 -9.69 -8.10 2.72
C ALA A 525 -9.80 -6.66 2.21
N PRO A 526 -8.75 -6.01 1.69
CA PRO A 526 -8.93 -4.65 1.15
C PRO A 526 -9.94 -4.57 0.03
N LEU A 527 -10.06 -5.60 -0.81
CA LEU A 527 -11.04 -5.56 -1.89
C LEU A 527 -12.46 -5.49 -1.34
N LEU A 528 -12.76 -6.29 -0.32
CA LEU A 528 -14.07 -6.22 0.31
C LEU A 528 -14.25 -4.90 1.05
N GLY A 529 -13.22 -4.44 1.74
CA GLY A 529 -13.32 -3.19 2.47
C GLY A 529 -13.52 -1.98 1.58
N ALA A 530 -12.76 -1.91 0.48
CA ALA A 530 -12.87 -0.79 -0.44
C ALA A 530 -14.26 -0.74 -1.07
N TYR A 531 -14.80 -1.90 -1.47
CA TYR A 531 -16.14 -1.94 -2.02
C TYR A 531 -17.16 -1.49 -0.99
N LEU A 532 -17.06 -1.99 0.24
CA LEU A 532 -18.01 -1.64 1.29
C LEU A 532 -17.90 -0.16 1.66
N GLY A 533 -16.67 0.35 1.75
CA GLY A 533 -16.50 1.77 2.02
C GLY A 533 -17.07 2.65 0.93
N GLY A 534 -16.99 2.18 -0.32
CA GLY A 534 -17.50 2.97 -1.43
C GLY A 534 -19.01 3.04 -1.48
N ILE A 535 -19.68 1.90 -1.29
CA ILE A 535 -21.14 1.88 -1.41
C ILE A 535 -21.76 2.66 -0.26
N ILE A 536 -21.15 2.59 0.93
CA ILE A 536 -21.65 3.34 2.08
C ILE A 536 -21.65 4.83 1.79
N TYR A 537 -20.57 5.33 1.20
CA TYR A 537 -20.51 6.76 0.83
C TYR A 537 -21.59 7.11 -0.18
N LEU A 538 -21.80 6.25 -1.18
CA LEU A 538 -22.80 6.52 -2.20
C LEU A 538 -24.21 6.53 -1.62
N VAL A 539 -24.50 5.60 -0.70
CA VAL A 539 -25.84 5.54 -0.11
C VAL A 539 -26.08 6.73 0.81
N PHE A 540 -25.13 7.02 1.69
CA PHE A 540 -25.35 8.03 2.73
C PHE A 540 -25.15 9.44 2.19
N ILE A 541 -23.92 9.76 1.78
CA ILE A 541 -23.62 11.11 1.33
C ILE A 541 -24.26 11.38 -0.03
N GLY A 542 -24.15 10.43 -0.95
CA GLY A 542 -24.70 10.60 -2.29
C GLY A 542 -26.22 10.66 -2.30
C1 P5S B . -12.66 -13.48 16.10
C2 P5S B . -11.49 -14.01 16.90
C3 P5S B . -10.81 -15.23 16.33
OG P5S B . -10.42 -17.53 18.13
P12 P5S B . -9.10 -17.03 17.30
O13 P5S B . -7.92 -16.87 18.19
O15 P5S B . -9.01 -17.81 16.03
O16 P5S B . -9.59 -15.49 16.99
C17 P5S B . -13.13 -11.93 14.39
O18 P5S B . -13.46 -10.78 14.54
O19 P5S B . -12.22 -12.53 15.15
C20 P5S B . -13.71 -12.86 13.36
C21 P5S B . -14.61 -12.19 12.35
C22 P5S B . -13.87 -11.27 11.39
C23 P5S B . -14.75 -10.83 10.23
C24 P5S B . -14.27 -9.59 9.50
C25 P5S B . -15.28 -9.12 8.45
C26 P5S B . -15.17 -7.65 8.08
C27 P5S B . -16.30 -7.23 7.15
C28 P5S B . -16.75 -5.78 7.31
C29 P5S B . -15.68 -4.78 6.88
C30 P5S B . -16.21 -3.37 6.66
C31 P5S B . -15.26 -2.56 5.79
C32 P5S B . -15.84 -1.23 5.30
C33 P5S B . -16.06 -0.23 6.41
C34 P5S B . -16.39 1.17 5.88
C35 P5S B . -17.08 2.05 6.92
C36 P5S B . -17.64 3.33 6.30
#